data_1O0D
#
_entry.id   1O0D
#
_cell.length_a   70.880
_cell.length_b   71.960
_cell.length_c   73.520
_cell.angle_alpha   90.00
_cell.angle_beta   101.06
_cell.angle_gamma   90.00
#
_symmetry.space_group_name_H-M   'C 1 2 1'
#
loop_
_entity.id
_entity.type
_entity.pdbx_description
1 polymer 'Thrombin light chain'
2 polymer 'Thrombin heavy chain'
3 polymer 'Decapeptide Hirudin Analogue'
4 non-polymer '(2-{2-[(5-CARBAMIMIDOYL-1-METHYL-1H-PYRROL-2-YLMETHYL)-CARBAMOYL]-PYRROL-1-YL}- 1-CYCLOHEXYLMETHYL-2-OXO-ETHYLAMINO)-ACETIC ACID'
5 water water
#
loop_
_entity_poly.entity_id
_entity_poly.type
_entity_poly.pdbx_seq_one_letter_code
_entity_poly.pdbx_strand_id
1 'polypeptide(L)' TFGSGEADCGLRPLFEKKSLEDKTERELLESYIDGR L
2 'polypeptide(L)'
;IVEGSDAEIGMSPWQVMLFRKSPQELLCGASLISDRWVLTAAHCLLYPPWDKNFTENDLLVRIGKHSRTRYERNIEKISM
LEKIYIHPRYNWRENLDRDIALMKLKKPVAFSDYIHPVCLPDRETAASLLQAGYKGRVTGWGNLKETWTANVGKGQPSVL
QVVNLPIVERPVCKDSTRIRITDNMFCAGYKPDEGKRGDACEGDSGGPFVMKSPFNNRWYQMGIVSWGEGCDRDGKYGFY
THVFRLKKWIQKVIDQFGE
;
H
3 'polypeptide(L)' (SIN)YEPI(HYP)EE(SMF)(ALC)Q D
#
loop_
_chem_comp.id
_chem_comp.type
_chem_comp.name
_chem_comp.formula
163 peptide-like '(2-{2-[(5-CARBAMIMIDOYL-1-METHYL-1H-PYRROL-2-YLMETHYL)-CARBAMOYL]-PYRROL-1-YL}- 1-CYCLOHEXYLMETHYL-2-OXO-ETHYLAMINO)-ACETIC ACID' 'C23 H32 N6 O4'
SIN non-polymer 'SUCCINIC ACID' 'C4 H6 O4'
#
# COMPACT_ATOMS: atom_id res chain seq x y z
N GLY A 3 -10.33 4.04 -16.86
CA GLY A 3 -11.46 4.84 -16.27
C GLY A 3 -10.97 5.83 -15.23
N SER A 4 -11.48 5.69 -14.00
CA SER A 4 -11.08 6.58 -12.90
C SER A 4 -9.65 6.25 -12.53
N GLY A 5 -9.01 5.53 -13.45
CA GLY A 5 -7.62 5.11 -13.32
C GLY A 5 -7.23 4.95 -14.78
N GLU A 6 -6.19 5.65 -15.22
CA GLU A 6 -5.76 5.58 -16.61
C GLU A 6 -5.97 4.23 -17.26
N ALA A 7 -6.26 4.27 -18.56
CA ALA A 7 -6.55 3.10 -19.39
C ALA A 7 -5.87 1.79 -19.12
N ASP A 8 -4.57 1.79 -18.84
CA ASP A 8 -3.86 0.53 -18.64
C ASP A 8 -3.63 0.03 -17.23
N CYS A 9 -4.04 0.80 -16.23
CA CYS A 9 -3.81 0.42 -14.84
C CYS A 9 -4.33 -0.95 -14.44
N GLY A 10 -3.75 -1.50 -13.36
CA GLY A 10 -4.19 -2.78 -12.83
C GLY A 10 -3.87 -4.07 -13.58
N LEU A 11 -3.31 -3.95 -14.78
CA LEU A 11 -2.96 -5.13 -15.57
C LEU A 11 -1.46 -5.36 -15.55
N ARG A 12 -1.04 -6.35 -14.79
CA ARG A 12 0.38 -6.66 -14.66
C ARG A 12 0.95 -7.32 -15.90
N PRO A 13 2.13 -6.83 -16.33
CA PRO A 13 2.85 -7.31 -17.50
C PRO A 13 3.21 -8.78 -17.45
N LEU A 14 3.59 -9.25 -16.27
CA LEU A 14 3.99 -10.64 -16.12
C LEU A 14 2.88 -11.57 -15.74
N PHE A 15 1.65 -11.06 -15.68
CA PHE A 15 0.53 -11.92 -15.35
C PHE A 15 -0.68 -11.73 -16.19
N GLU A 16 -1.56 -10.80 -15.84
CA GLU A 16 -2.77 -10.60 -16.63
C GLU A 16 -2.50 -10.40 -18.12
N LYS A 17 -1.43 -9.70 -18.47
CA LYS A 17 -1.15 -9.48 -19.89
C LYS A 17 -0.65 -10.69 -20.65
N LYS A 18 -0.29 -11.75 -19.95
CA LYS A 18 0.18 -12.97 -20.61
C LYS A 18 -0.73 -14.11 -20.22
N SER A 19 -1.79 -13.74 -19.50
CA SER A 19 -2.80 -14.68 -19.02
C SER A 19 -2.29 -15.67 -18.00
N LEU A 20 -1.26 -15.30 -17.26
CA LEU A 20 -0.71 -16.15 -16.22
C LEU A 20 -1.21 -15.62 -14.88
N GLU A 21 -1.49 -16.53 -13.95
CA GLU A 21 -1.96 -16.15 -12.63
C GLU A 21 -0.85 -16.32 -11.65
N ASP A 22 -0.89 -15.57 -10.54
CA ASP A 22 0.12 -15.70 -9.51
C ASP A 22 -0.31 -16.80 -8.55
N LYS A 23 0.60 -17.22 -7.67
CA LYS A 23 0.34 -18.30 -6.73
C LYS A 23 -0.87 -18.21 -5.84
N THR A 24 -1.31 -17.02 -5.48
CA THR A 24 -2.44 -16.93 -4.57
C THR A 24 -3.61 -16.09 -4.99
N GLU A 25 -3.62 -15.58 -6.21
CA GLU A 25 -4.73 -14.73 -6.60
C GLU A 25 -6.05 -15.45 -6.56
N ARG A 26 -6.03 -16.78 -6.65
CA ARG A 26 -7.28 -17.53 -6.63
C ARG A 26 -7.94 -17.53 -5.27
N GLU A 27 -7.17 -17.28 -4.21
CA GLU A 27 -7.71 -17.25 -2.85
C GLU A 27 -8.64 -16.05 -2.78
N LEU A 28 -8.26 -14.99 -3.49
CA LEU A 28 -9.04 -13.76 -3.53
C LEU A 28 -10.37 -13.94 -4.22
N LEU A 29 -10.32 -14.44 -5.45
CA LEU A 29 -11.52 -14.66 -6.24
C LEU A 29 -12.47 -15.66 -5.60
N GLU A 30 -11.93 -16.70 -4.99
CA GLU A 30 -12.76 -17.70 -4.34
C GLU A 30 -13.59 -17.10 -3.25
N SER A 31 -13.17 -15.94 -2.76
CA SER A 31 -13.87 -15.27 -1.68
C SER A 31 -14.79 -14.17 -2.11
N TYR A 32 -14.82 -13.86 -3.41
CA TYR A 32 -15.66 -12.77 -3.88
C TYR A 32 -17.11 -13.09 -4.14
N ILE A 33 -17.71 -13.98 -3.37
CA ILE A 33 -19.12 -14.28 -3.58
C ILE A 33 -19.83 -14.94 -2.44
N ASP A 34 -19.45 -16.18 -2.12
CA ASP A 34 -20.15 -16.91 -1.07
C ASP A 34 -19.33 -17.51 0.07
N GLY A 35 -18.22 -18.17 -0.24
CA GLY A 35 -17.40 -18.75 0.82
C GLY A 35 -16.98 -17.73 1.88
N ARG A 36 -15.68 -17.51 2.01
CA ARG A 36 -15.16 -16.53 2.98
C ARG A 36 -14.37 -15.47 2.23
N ILE B 1 5.38 -7.34 7.08
CA ILE B 1 4.28 -8.37 6.95
C ILE B 1 4.54 -9.55 7.85
N VAL B 2 3.50 -9.98 8.56
CA VAL B 2 3.62 -11.13 9.45
C VAL B 2 2.82 -12.28 8.92
N GLU B 3 3.42 -13.46 8.96
CA GLU B 3 2.76 -14.67 8.47
C GLU B 3 2.43 -14.58 7.00
N GLY B 4 3.29 -13.89 6.24
CA GLY B 4 3.06 -13.76 4.82
C GLY B 4 4.07 -14.62 4.08
N SER B 5 4.43 -14.21 2.87
CA SER B 5 5.40 -14.99 2.11
C SER B 5 6.04 -14.17 1.02
N ASP B 6 7.11 -14.72 0.45
CA ASP B 6 7.85 -14.05 -0.60
C ASP B 6 7.05 -13.80 -1.84
N ALA B 7 6.91 -12.53 -2.19
CA ALA B 7 6.20 -12.15 -3.38
C ALA B 7 6.97 -12.68 -4.56
N GLU B 8 6.29 -12.88 -5.69
CA GLU B 8 7.00 -13.35 -6.87
C GLU B 8 7.30 -12.16 -7.75
N ILE B 9 8.25 -12.32 -8.65
CA ILE B 9 8.66 -11.23 -9.53
C ILE B 9 7.50 -10.63 -10.30
N GLY B 10 7.40 -9.30 -10.27
CA GLY B 10 6.35 -8.61 -11.00
C GLY B 10 4.94 -8.77 -10.44
N MET B 11 4.82 -9.34 -9.26
CA MET B 11 3.51 -9.55 -8.64
C MET B 11 2.83 -8.24 -8.19
N SER B 12 3.62 -7.24 -7.80
CA SER B 12 3.09 -5.95 -7.37
C SER B 12 3.83 -4.81 -8.04
N PRO B 13 3.68 -4.67 -9.36
CA PRO B 13 4.34 -3.64 -10.16
C PRO B 13 4.13 -2.20 -9.71
N TRP B 14 3.20 -1.99 -8.80
CA TRP B 14 2.90 -0.65 -8.28
C TRP B 14 3.55 -0.36 -6.96
N GLN B 15 4.10 -1.40 -6.33
CA GLN B 15 4.75 -1.28 -5.02
C GLN B 15 5.91 -0.32 -5.08
N VAL B 16 5.90 0.67 -4.20
CA VAL B 16 6.95 1.67 -4.16
C VAL B 16 7.64 1.71 -2.81
N MET B 17 8.91 2.05 -2.81
CA MET B 17 9.66 2.14 -1.54
C MET B 17 10.04 3.58 -1.26
N LEU B 18 9.66 4.08 -0.09
CA LEU B 18 10.04 5.44 0.30
C LEU B 18 11.38 5.30 0.92
N PHE B 19 12.39 5.88 0.29
CA PHE B 19 13.75 5.75 0.80
C PHE B 19 14.33 7.03 1.32
N ARG B 20 14.90 6.95 2.52
CA ARG B 20 15.52 8.11 3.18
C ARG B 20 16.95 8.28 2.72
N LYS B 21 17.31 9.51 2.33
CA LYS B 21 18.66 9.82 1.87
C LYS B 21 19.72 9.64 2.95
N SER B 22 19.49 10.20 4.12
CA SER B 22 20.47 10.09 5.20
C SER B 22 19.89 10.09 6.59
N PRO B 23 20.03 8.96 7.31
CA PRO B 23 20.70 7.76 6.81
C PRO B 23 19.88 7.05 5.76
N GLN B 24 20.54 6.27 4.91
CA GLN B 24 19.84 5.53 3.87
C GLN B 24 19.11 4.38 4.50
N GLU B 25 17.79 4.45 4.47
CA GLU B 25 16.95 3.41 5.06
C GLU B 25 15.54 3.38 4.56
N LEU B 26 14.90 2.22 4.73
CA LEU B 26 13.50 2.03 4.33
C LEU B 26 12.70 2.92 5.21
N LEU B 27 11.80 3.69 4.59
CA LEU B 27 10.97 4.60 5.35
C LEU B 27 9.55 4.12 5.39
N CYS B 28 9.02 3.76 4.23
CA CYS B 28 7.64 3.33 4.12
C CYS B 28 7.40 2.69 2.79
N GLY B 29 6.16 2.22 2.62
CA GLY B 29 5.74 1.63 1.36
C GLY B 29 4.91 2.72 0.72
N ALA B 30 4.54 2.54 -0.54
CA ALA B 30 3.74 3.54 -1.27
C ALA B 30 3.30 2.85 -2.52
N SER B 31 2.52 3.54 -3.37
CA SER B 31 2.06 2.91 -4.60
C SER B 31 2.04 3.83 -5.78
N LEU B 32 2.22 3.26 -6.97
CA LEU B 32 2.24 4.02 -8.20
C LEU B 32 0.85 4.06 -8.82
N ILE B 33 0.29 5.24 -9.01
CA ILE B 33 -1.06 5.37 -9.59
C ILE B 33 -1.06 5.96 -10.99
N SER B 34 0.10 6.42 -11.44
CA SER B 34 0.30 6.99 -12.78
C SER B 34 1.79 7.14 -12.94
N ASP B 35 2.25 7.85 -13.96
CA ASP B 35 3.70 8.00 -14.16
C ASP B 35 4.33 9.14 -13.39
N ARG B 36 3.51 9.99 -12.80
CA ARG B 36 3.99 11.14 -12.05
C ARG B 36 3.55 11.20 -10.60
N TRP B 37 2.66 10.30 -10.20
CA TRP B 37 2.12 10.30 -8.84
C TRP B 37 2.19 9.01 -8.06
N VAL B 38 2.65 9.09 -6.82
CA VAL B 38 2.66 7.89 -6.00
C VAL B 38 1.89 8.23 -4.74
N LEU B 39 1.06 7.28 -4.32
CA LEU B 39 0.19 7.41 -3.16
C LEU B 39 0.78 6.75 -1.93
N THR B 40 0.65 7.40 -0.78
CA THR B 40 1.18 6.84 0.47
C THR B 40 0.43 7.33 1.68
N ALA B 41 0.87 6.90 2.86
CA ALA B 41 0.26 7.29 4.14
C ALA B 41 0.90 8.55 4.66
N ALA B 42 0.09 9.50 5.12
CA ALA B 42 0.60 10.76 5.66
C ALA B 42 1.54 10.60 6.84
N HIS B 43 1.23 9.71 7.77
CA HIS B 43 2.10 9.54 8.93
C HIS B 43 3.52 9.16 8.56
N CYS B 44 3.75 8.81 7.30
CA CYS B 44 5.10 8.47 6.82
C CYS B 44 5.91 9.73 6.67
N LEU B 45 5.22 10.84 6.40
CA LEU B 45 5.85 12.13 6.18
C LEU B 45 5.73 13.06 7.36
N LEU B 46 4.57 13.05 7.99
CA LEU B 46 4.31 13.94 9.11
C LEU B 46 3.72 13.20 10.27
N TYR B 47 4.36 13.32 11.43
CA TYR B 47 3.90 12.70 12.66
C TYR B 47 4.61 13.26 13.87
N PRO B 48 4.23 14.49 14.26
CA PRO B 48 4.77 15.24 15.40
C PRO B 48 5.08 14.41 16.63
N PRO B 49 4.15 13.55 17.05
CA PRO B 49 4.45 12.75 18.23
C PRO B 49 5.83 12.15 18.23
N TRP B 50 6.31 11.74 17.06
CA TRP B 50 7.65 11.15 16.97
C TRP B 50 8.63 12.09 16.35
N ASP B 51 8.26 13.35 16.23
CA ASP B 51 9.14 14.34 15.63
C ASP B 51 9.39 14.03 14.17
N LYS B 52 8.44 13.37 13.53
CA LYS B 52 8.58 13.03 12.13
C LYS B 52 8.00 14.14 11.28
N ASN B 53 8.80 14.65 10.35
CA ASN B 53 8.35 15.72 9.45
C ASN B 53 9.31 15.89 8.29
N PHE B 54 9.21 15.00 7.30
CA PHE B 54 10.08 15.03 6.14
C PHE B 54 9.63 15.97 5.04
N THR B 55 10.57 16.40 4.20
CA THR B 55 10.28 17.28 3.11
C THR B 55 10.76 16.66 1.80
N GLU B 56 10.40 17.27 0.67
CA GLU B 56 10.79 16.76 -0.65
C GLU B 56 12.23 16.30 -0.79
N ASN B 57 13.16 17.14 -0.37
CA ASN B 57 14.57 16.80 -0.50
C ASN B 57 15.11 15.76 0.45
N ASP B 58 14.30 15.34 1.41
CA ASP B 58 14.75 14.33 2.37
C ASP B 58 14.56 12.95 1.85
N LEU B 59 13.68 12.80 0.86
CA LEU B 59 13.35 11.49 0.34
C LEU B 59 13.66 11.14 -1.09
N LEU B 60 13.65 9.83 -1.33
CA LEU B 60 13.86 9.25 -2.63
C LEU B 60 12.78 8.21 -2.81
N VAL B 61 12.35 8.02 -4.04
CA VAL B 61 11.33 7.03 -4.35
C VAL B 61 11.96 5.95 -5.19
N ARG B 62 11.77 4.69 -4.79
CA ARG B 62 12.34 3.58 -5.55
C ARG B 62 11.24 2.66 -6.03
N ILE B 63 11.12 2.57 -7.35
CA ILE B 63 10.08 1.77 -7.99
C ILE B 63 10.58 0.57 -8.77
N GLY B 64 9.83 -0.53 -8.75
CA GLY B 64 10.22 -1.72 -9.48
C GLY B 64 11.07 -2.71 -8.70
N LYS B 65 11.18 -2.51 -7.40
CA LYS B 65 12.00 -3.37 -6.56
C LYS B 65 11.38 -4.67 -6.11
N HIS B 66 12.23 -5.59 -5.66
CA HIS B 66 11.81 -6.88 -5.16
C HIS B 66 12.61 -7.10 -3.91
N SER B 67 13.92 -6.97 -4.05
CA SER B 67 14.83 -7.12 -2.93
C SER B 67 14.71 -5.91 -2.05
N ARG B 68 14.84 -6.10 -0.75
CA ARG B 68 14.73 -5.01 0.19
C ARG B 68 15.94 -4.10 0.28
N THR B 69 17.13 -4.67 0.34
CA THR B 69 18.35 -3.88 0.49
C THR B 69 19.28 -3.68 -0.68
N ARG B 70 19.19 -4.52 -1.71
CA ARG B 70 20.11 -4.35 -2.84
C ARG B 70 19.69 -3.33 -3.85
N TYR B 71 20.67 -2.73 -4.51
CA TYR B 71 20.39 -1.76 -5.57
C TYR B 71 20.25 -2.62 -6.78
N GLU B 72 19.01 -2.94 -7.13
CA GLU B 72 18.72 -3.79 -8.25
C GLU B 72 18.95 -3.06 -9.55
N ARG B 73 20.24 -2.95 -9.89
CA ARG B 73 20.71 -2.26 -11.09
C ARG B 73 19.97 -2.76 -12.30
N ASN B 74 19.60 -1.82 -13.17
CA ASN B 74 18.88 -2.13 -14.41
C ASN B 74 17.43 -2.52 -14.22
N ILE B 75 16.98 -2.66 -12.99
CA ILE B 75 15.60 -3.06 -12.75
C ILE B 75 14.83 -1.99 -12.05
N GLU B 76 15.30 -1.61 -10.87
CA GLU B 76 14.62 -0.58 -10.10
C GLU B 76 14.90 0.80 -10.64
N LYS B 77 14.02 1.74 -10.31
CA LYS B 77 14.17 3.12 -10.76
C LYS B 77 14.05 4.03 -9.58
N ILE B 78 15.04 4.90 -9.39
CA ILE B 78 15.04 5.84 -8.29
C ILE B 78 14.59 7.19 -8.76
N SER B 79 13.63 7.77 -8.08
CA SER B 79 13.10 9.07 -8.46
C SER B 79 13.05 10.09 -7.35
N MET B 80 13.10 11.36 -7.73
CA MET B 80 13.07 12.46 -6.77
C MET B 80 11.69 13.04 -6.68
N LEU B 81 11.35 13.56 -5.50
CA LEU B 81 10.05 14.15 -5.26
C LEU B 81 10.05 15.60 -5.62
N GLU B 82 8.96 16.06 -6.19
CA GLU B 82 8.86 17.47 -6.55
C GLU B 82 7.95 18.18 -5.59
N LYS B 83 6.92 17.48 -5.13
CA LYS B 83 5.96 18.07 -4.20
C LYS B 83 5.25 17.03 -3.38
N ILE B 84 5.05 17.35 -2.12
CA ILE B 84 4.34 16.46 -1.20
C ILE B 84 3.04 17.12 -0.80
N TYR B 85 1.95 16.35 -0.81
CA TYR B 85 0.67 16.91 -0.43
C TYR B 85 0.04 16.08 0.65
N ILE B 86 -0.15 16.68 1.82
CA ILE B 86 -0.76 15.99 2.94
C ILE B 86 -2.21 16.41 3.00
N HIS B 87 -3.12 15.47 3.23
CA HIS B 87 -4.53 15.82 3.32
C HIS B 87 -4.70 16.88 4.39
N PRO B 88 -5.32 18.01 4.04
CA PRO B 88 -5.53 19.10 5.00
C PRO B 88 -6.21 18.73 6.29
N ARG B 89 -7.07 17.71 6.28
CA ARG B 89 -7.75 17.32 7.51
C ARG B 89 -7.25 16.03 8.12
N TYR B 90 -5.98 15.73 7.86
CA TYR B 90 -5.33 14.54 8.40
C TYR B 90 -5.20 14.73 9.90
N ASN B 91 -5.78 13.81 10.67
CA ASN B 91 -5.76 13.91 12.12
C ASN B 91 -4.72 13.05 12.78
N TRP B 92 -3.52 13.59 12.96
CA TRP B 92 -2.44 12.85 13.60
C TRP B 92 -2.59 12.92 15.09
N ARG B 93 -3.29 13.95 15.56
CA ARG B 93 -3.51 14.15 16.98
C ARG B 93 -4.36 13.15 17.70
N GLU B 94 -5.38 12.60 17.04
CA GLU B 94 -6.27 11.66 17.72
C GLU B 94 -6.34 10.23 17.31
N ASN B 95 -6.66 9.98 16.03
CA ASN B 95 -6.83 8.61 15.55
C ASN B 95 -6.33 8.36 14.15
N LEU B 96 -5.43 9.20 13.66
CA LEU B 96 -4.87 9.03 12.32
C LEU B 96 -5.95 9.00 11.23
N ASP B 97 -7.00 9.80 11.42
CA ASP B 97 -8.09 9.87 10.46
C ASP B 97 -7.58 10.57 9.21
N ARG B 98 -8.01 10.10 8.04
CA ARG B 98 -7.59 10.67 6.77
C ARG B 98 -6.08 10.58 6.57
N ASP B 99 -5.52 9.43 6.91
CA ASP B 99 -4.09 9.16 6.79
C ASP B 99 -3.70 8.95 5.34
N ILE B 100 -3.58 10.03 4.57
CA ILE B 100 -3.24 9.91 3.17
C ILE B 100 -2.41 11.06 2.63
N ALA B 101 -1.56 10.76 1.65
CA ALA B 101 -0.71 11.77 1.05
C ALA B 101 -0.31 11.45 -0.36
N LEU B 102 -0.13 12.50 -1.16
CA LEU B 102 0.26 12.37 -2.55
C LEU B 102 1.62 12.97 -2.78
N MET B 103 2.42 12.27 -3.58
CA MET B 103 3.76 12.75 -3.91
C MET B 103 3.83 12.88 -5.41
N LYS B 104 4.30 14.04 -5.86
CA LYS B 104 4.45 14.34 -7.28
C LYS B 104 5.88 14.09 -7.66
N LEU B 105 6.10 13.17 -8.59
CA LEU B 105 7.45 12.85 -9.03
C LEU B 105 8.02 13.91 -9.94
N LYS B 106 9.32 14.20 -9.78
CA LYS B 106 9.97 15.22 -10.59
C LYS B 106 9.88 14.97 -12.08
N LYS B 107 10.13 13.73 -12.47
CA LYS B 107 10.10 13.34 -13.87
C LYS B 107 9.28 12.08 -13.98
N PRO B 108 8.49 11.96 -15.06
CA PRO B 108 7.66 10.76 -15.24
C PRO B 108 8.52 9.53 -15.22
N VAL B 109 7.96 8.42 -14.76
CA VAL B 109 8.69 7.16 -14.72
C VAL B 109 8.26 6.24 -15.83
N ALA B 110 9.23 5.68 -16.55
CA ALA B 110 8.93 4.78 -17.66
C ALA B 110 8.53 3.39 -17.19
N PHE B 111 7.36 2.94 -17.62
CA PHE B 111 6.84 1.63 -17.24
C PHE B 111 7.63 0.48 -17.81
N SER B 112 7.48 -0.70 -17.21
CA SER B 112 8.18 -1.91 -17.64
C SER B 112 7.51 -3.12 -17.09
N ASP B 113 8.17 -4.26 -17.18
CA ASP B 113 7.60 -5.49 -16.66
C ASP B 113 7.51 -5.47 -15.15
N TYR B 114 8.31 -4.62 -14.51
CA TYR B 114 8.32 -4.52 -13.06
C TYR B 114 7.78 -3.20 -12.53
N ILE B 115 7.39 -2.33 -13.46
CA ILE B 115 6.85 -1.01 -13.10
C ILE B 115 5.58 -0.77 -13.84
N HIS B 116 4.47 -0.74 -13.10
CA HIS B 116 3.16 -0.54 -13.69
C HIS B 116 2.22 -0.04 -12.61
N PRO B 117 1.38 0.96 -12.93
CA PRO B 117 0.44 1.53 -11.97
C PRO B 117 -0.78 0.70 -11.61
N VAL B 118 -1.36 1.00 -10.46
CA VAL B 118 -2.54 0.30 -9.98
C VAL B 118 -3.72 1.22 -10.16
N CYS B 119 -4.89 0.66 -10.42
CA CYS B 119 -6.07 1.49 -10.60
C CYS B 119 -6.62 1.99 -9.31
N LEU B 120 -7.27 3.15 -9.36
CA LEU B 120 -7.93 3.71 -8.20
C LEU B 120 -9.38 3.31 -8.41
N PRO B 121 -10.10 3.00 -7.34
CA PRO B 121 -11.50 2.58 -7.41
C PRO B 121 -12.53 3.65 -7.67
N ASP B 122 -13.62 3.23 -8.30
CA ASP B 122 -14.75 4.10 -8.61
C ASP B 122 -15.83 3.69 -7.63
N ARG B 123 -16.89 4.50 -7.52
CA ARG B 123 -17.97 4.18 -6.59
C ARG B 123 -18.54 2.78 -6.70
N GLU B 124 -18.69 2.27 -7.91
CA GLU B 124 -19.25 0.96 -8.13
C GLU B 124 -18.33 -0.16 -7.70
N THR B 125 -17.09 -0.12 -8.17
CA THR B 125 -16.12 -1.14 -7.82
C THR B 125 -15.98 -1.24 -6.32
N ALA B 126 -15.77 -0.10 -5.67
CA ALA B 126 -15.63 -0.07 -4.21
C ALA B 126 -16.84 -0.66 -3.55
N ALA B 127 -18.02 -0.35 -4.09
CA ALA B 127 -19.26 -0.85 -3.51
C ALA B 127 -19.43 -2.34 -3.67
N SER B 128 -18.84 -2.92 -4.71
CA SER B 128 -18.99 -4.36 -4.94
C SER B 128 -17.98 -5.17 -4.21
N LEU B 129 -16.77 -4.64 -4.06
CA LEU B 129 -15.71 -5.38 -3.41
C LEU B 129 -15.51 -5.12 -1.95
N LEU B 130 -15.69 -3.89 -1.51
CA LEU B 130 -15.47 -3.60 -0.10
C LEU B 130 -16.54 -4.20 0.77
N GLN B 131 -16.47 -5.51 0.96
CA GLN B 131 -17.44 -6.22 1.78
C GLN B 131 -16.77 -7.15 2.77
N ALA B 132 -17.36 -7.28 3.96
CA ALA B 132 -16.81 -8.12 5.00
C ALA B 132 -16.69 -9.53 4.50
N GLY B 133 -15.52 -10.14 4.69
CA GLY B 133 -15.31 -11.50 4.23
C GLY B 133 -14.45 -11.54 2.96
N TYR B 134 -14.59 -10.53 2.12
CA TYR B 134 -13.81 -10.45 0.88
C TYR B 134 -12.33 -10.24 1.21
N LYS B 135 -11.47 -11.07 0.64
CA LYS B 135 -10.03 -10.97 0.87
C LYS B 135 -9.32 -9.97 0.00
N GLY B 136 -8.31 -9.34 0.59
CA GLY B 136 -7.49 -8.35 -0.10
C GLY B 136 -6.02 -8.70 0.09
N ARG B 137 -5.15 -8.04 -0.65
CA ARG B 137 -3.71 -8.30 -0.59
C ARG B 137 -2.87 -7.14 -0.13
N VAL B 138 -1.93 -7.44 0.77
CA VAL B 138 -1.03 -6.42 1.30
C VAL B 138 0.40 -6.82 1.05
N THR B 139 1.23 -5.84 0.71
CA THR B 139 2.64 -6.09 0.44
C THR B 139 3.56 -5.08 1.12
N GLY B 140 4.76 -5.51 1.47
CA GLY B 140 5.70 -4.61 2.11
C GLY B 140 6.98 -5.28 2.55
N TRP B 141 7.99 -4.47 2.86
CA TRP B 141 9.29 -4.94 3.28
C TRP B 141 9.43 -4.75 4.77
N GLY B 142 8.31 -4.49 5.44
CA GLY B 142 8.33 -4.26 6.88
C GLY B 142 8.64 -5.48 7.71
N ASN B 143 8.64 -5.29 9.03
CA ASN B 143 8.93 -6.35 9.99
C ASN B 143 8.06 -7.57 9.83
N LEU B 144 8.60 -8.72 10.23
CA LEU B 144 7.92 -10.01 10.14
C LEU B 144 7.32 -10.44 11.46
N LYS B 145 7.72 -9.76 12.52
CA LYS B 145 7.22 -10.05 13.86
C LYS B 145 7.05 -8.73 14.56
N GLU B 146 6.25 -8.71 15.63
CA GLU B 146 6.00 -7.46 16.35
C GLU B 146 7.24 -6.79 16.87
N THR B 147 8.07 -7.53 17.60
CA THR B 147 9.30 -6.95 18.13
C THR B 147 10.35 -8.01 18.35
N GLY B 155 15.48 -9.56 12.99
CA GLY B 155 15.53 -9.79 11.56
C GLY B 155 14.22 -9.48 10.85
N GLN B 156 14.33 -8.96 9.63
CA GLN B 156 13.16 -8.62 8.81
C GLN B 156 13.31 -9.26 7.43
N PRO B 157 12.37 -9.02 6.50
CA PRO B 157 12.46 -9.63 5.17
C PRO B 157 13.58 -9.25 4.26
N SER B 158 13.98 -10.21 3.44
CA SER B 158 15.03 -10.03 2.47
C SER B 158 14.37 -9.66 1.16
N VAL B 159 13.18 -10.20 0.95
CA VAL B 159 12.41 -9.96 -0.27
C VAL B 159 11.02 -9.41 0.05
N LEU B 160 10.42 -8.73 -0.91
CA LEU B 160 9.06 -8.18 -0.71
C LEU B 160 8.15 -9.29 -0.22
N GLN B 161 7.29 -8.95 0.73
CA GLN B 161 6.36 -9.93 1.30
C GLN B 161 4.93 -9.63 0.93
N VAL B 162 4.08 -10.65 1.00
CA VAL B 162 2.66 -10.48 0.69
C VAL B 162 1.76 -11.36 1.50
N VAL B 163 0.56 -10.88 1.80
CA VAL B 163 -0.44 -11.65 2.54
C VAL B 163 -1.79 -11.33 2.01
N ASN B 164 -2.70 -12.27 2.16
CA ASN B 164 -4.07 -12.10 1.72
C ASN B 164 -4.92 -12.12 2.96
N LEU B 165 -5.61 -11.02 3.22
CA LEU B 165 -6.43 -10.91 4.41
C LEU B 165 -7.85 -10.57 4.13
N PRO B 166 -8.77 -11.04 4.98
CA PRO B 166 -10.19 -10.75 4.77
C PRO B 166 -10.60 -9.44 5.38
N ILE B 167 -11.51 -8.73 4.73
CA ILE B 167 -12.05 -7.48 5.25
C ILE B 167 -12.92 -7.88 6.41
N VAL B 168 -13.00 -7.04 7.45
CA VAL B 168 -13.80 -7.39 8.61
C VAL B 168 -14.99 -6.47 8.89
N GLU B 169 -16.07 -7.06 9.41
CA GLU B 169 -17.29 -6.32 9.74
C GLU B 169 -16.94 -5.11 10.57
N ARG B 170 -17.49 -3.95 10.21
CA ARG B 170 -17.22 -2.71 10.93
C ARG B 170 -17.40 -2.82 12.44
N PRO B 171 -18.48 -3.47 12.90
CA PRO B 171 -18.74 -3.64 14.34
C PRO B 171 -17.62 -4.36 15.05
N VAL B 172 -17.11 -5.43 14.45
CA VAL B 172 -16.03 -6.19 15.06
C VAL B 172 -14.77 -5.35 15.17
N CYS B 173 -14.54 -4.49 14.18
CA CYS B 173 -13.36 -3.63 14.18
C CYS B 173 -13.43 -2.71 15.40
N LYS B 174 -14.57 -2.04 15.56
CA LYS B 174 -14.77 -1.09 16.67
C LYS B 174 -14.55 -1.66 18.05
N ASP B 175 -15.20 -2.79 18.33
CA ASP B 175 -15.11 -3.43 19.64
C ASP B 175 -13.76 -4.01 19.96
N SER B 176 -12.76 -3.76 19.12
CA SER B 176 -11.44 -4.31 19.37
C SER B 176 -10.41 -3.28 19.75
N THR B 177 -10.82 -2.03 19.88
CA THR B 177 -9.87 -0.98 20.22
C THR B 177 -10.55 0.18 20.91
N ARG B 178 -9.76 1.03 21.57
CA ARG B 178 -10.32 2.18 22.24
C ARG B 178 -10.14 3.37 21.34
N ILE B 179 -9.47 3.15 20.23
CA ILE B 179 -9.23 4.20 19.26
C ILE B 179 -10.51 4.48 18.53
N ARG B 180 -10.89 5.75 18.46
CA ARG B 180 -12.11 6.17 17.79
C ARG B 180 -12.07 5.93 16.29
N ILE B 181 -12.68 4.83 15.84
CA ILE B 181 -12.73 4.48 14.42
C ILE B 181 -13.59 5.47 13.63
N THR B 182 -13.28 5.69 12.36
CA THR B 182 -14.09 6.61 11.56
C THR B 182 -14.50 5.96 10.27
N ASP B 183 -15.23 6.70 9.44
CA ASP B 183 -15.73 6.21 8.15
C ASP B 183 -14.66 6.16 7.08
N ASN B 184 -13.57 6.89 7.30
CA ASN B 184 -12.48 6.93 6.34
C ASN B 184 -11.48 5.84 6.58
N MET B 185 -11.88 4.78 7.28
CA MET B 185 -10.97 3.67 7.54
C MET B 185 -11.71 2.37 7.74
N PHE B 186 -11.08 1.26 7.34
CA PHE B 186 -11.67 -0.05 7.52
C PHE B 186 -10.61 -0.97 8.10
N CYS B 187 -11.01 -2.16 8.54
CA CYS B 187 -10.01 -3.07 9.10
C CYS B 187 -10.02 -4.43 8.44
N ALA B 188 -8.90 -5.13 8.52
CA ALA B 188 -8.77 -6.45 7.92
C ALA B 188 -7.96 -7.37 8.77
N GLY B 189 -8.13 -8.67 8.55
CA GLY B 189 -7.39 -9.65 9.32
C GLY B 189 -8.31 -10.80 9.68
N TYR B 190 -7.73 -11.91 10.08
CA TYR B 190 -8.54 -13.06 10.46
C TYR B 190 -8.96 -12.96 11.91
N LYS B 191 -10.08 -13.60 12.25
CA LYS B 191 -10.56 -13.62 13.62
C LYS B 191 -9.90 -14.78 14.33
N PRO B 192 -9.73 -14.67 15.65
CA PRO B 192 -9.11 -15.68 16.52
C PRO B 192 -9.38 -17.15 16.23
N ASP B 193 -10.60 -17.49 15.86
CA ASP B 193 -10.94 -18.90 15.59
C ASP B 193 -10.77 -19.33 14.15
N GLU B 194 -10.62 -18.36 13.25
CA GLU B 194 -10.48 -18.67 11.84
C GLU B 194 -9.28 -19.48 11.43
N GLY B 195 -8.44 -19.84 12.40
CA GLY B 195 -7.27 -20.65 12.08
C GLY B 195 -6.09 -19.98 11.40
N LYS B 196 -6.35 -19.09 10.45
CA LYS B 196 -5.27 -18.41 9.73
C LYS B 196 -5.00 -17.08 10.38
N ARG B 197 -3.79 -16.57 10.21
CA ARG B 197 -3.43 -15.28 10.78
C ARG B 197 -2.61 -14.45 9.81
N GLY B 198 -2.01 -13.38 10.29
CA GLY B 198 -1.23 -12.53 9.42
C GLY B 198 -1.64 -11.07 9.57
N ASP B 199 -0.70 -10.16 9.31
CA ASP B 199 -0.97 -8.73 9.48
C ASP B 199 0.14 -7.89 8.88
N ALA B 200 -0.08 -6.58 8.82
CA ALA B 200 0.93 -5.66 8.33
C ALA B 200 1.72 -5.36 9.58
N CYS B 201 2.74 -4.51 9.49
CA CYS B 201 3.52 -4.21 10.68
C CYS B 201 4.36 -3.00 10.40
N GLU B 202 5.14 -2.58 11.39
CA GLU B 202 6.01 -1.42 11.20
C GLU B 202 6.81 -1.63 9.94
N GLY B 203 7.02 -0.57 9.17
CA GLY B 203 7.77 -0.69 7.94
C GLY B 203 6.92 -0.92 6.71
N ASP B 204 5.67 -1.35 6.91
CA ASP B 204 4.74 -1.59 5.80
C ASP B 204 3.83 -0.39 5.51
N SER B 205 3.86 0.61 6.41
CA SER B 205 3.04 1.82 6.27
C SER B 205 3.09 2.45 4.91
N GLY B 206 1.95 2.96 4.46
CA GLY B 206 1.87 3.60 3.17
C GLY B 206 1.71 2.61 2.04
N GLY B 207 1.89 1.33 2.39
CA GLY B 207 1.75 0.30 1.39
C GLY B 207 0.32 0.12 0.93
N PRO B 208 0.15 -0.53 -0.22
CA PRO B 208 -1.15 -0.81 -0.84
C PRO B 208 -1.91 -2.02 -0.36
N PHE B 209 -3.23 -1.85 -0.25
CA PHE B 209 -4.13 -2.95 0.10
C PHE B 209 -4.93 -3.00 -1.19
N VAL B 210 -4.82 -4.09 -1.94
CA VAL B 210 -5.49 -4.17 -3.23
C VAL B 210 -6.36 -5.36 -3.38
N MET B 211 -7.24 -5.29 -4.37
CA MET B 211 -8.15 -6.40 -4.67
C MET B 211 -8.26 -6.51 -6.16
N LYS B 212 -8.51 -7.72 -6.65
CA LYS B 212 -8.65 -7.92 -8.08
C LYS B 212 -10.11 -7.98 -8.42
N SER B 213 -10.54 -7.18 -9.39
CA SER B 213 -11.94 -7.17 -9.80
C SER B 213 -12.31 -8.38 -10.60
N PRO B 214 -13.33 -9.12 -10.17
CA PRO B 214 -13.76 -10.32 -10.90
C PRO B 214 -14.49 -9.93 -12.16
N PHE B 215 -14.78 -8.64 -12.30
CA PHE B 215 -15.50 -8.13 -13.47
C PHE B 215 -14.62 -7.85 -14.66
N ASN B 216 -13.54 -7.09 -14.46
CA ASN B 216 -12.65 -6.76 -15.57
C ASN B 216 -11.23 -7.22 -15.37
N ASN B 217 -10.99 -7.93 -14.27
CA ASN B 217 -9.66 -8.46 -13.95
C ASN B 217 -8.57 -7.51 -13.59
N ARG B 218 -8.92 -6.27 -13.26
CA ARG B 218 -7.90 -5.30 -12.89
C ARG B 218 -7.67 -5.28 -11.40
N TRP B 219 -6.51 -4.77 -11.00
CA TRP B 219 -6.20 -4.68 -9.58
C TRP B 219 -6.53 -3.29 -9.14
N TYR B 220 -7.23 -3.18 -8.03
CA TYR B 220 -7.61 -1.87 -7.51
C TYR B 220 -7.11 -1.70 -6.10
N GLN B 221 -6.56 -0.53 -5.81
CA GLN B 221 -6.08 -0.27 -4.45
C GLN B 221 -7.25 0.29 -3.65
N MET B 222 -7.74 -0.50 -2.70
CA MET B 222 -8.87 -0.09 -1.85
C MET B 222 -8.42 0.59 -0.60
N GLY B 223 -7.25 0.20 -0.11
CA GLY B 223 -6.78 0.79 1.11
C GLY B 223 -5.31 1.13 1.17
N ILE B 224 -4.93 1.75 2.28
CA ILE B 224 -3.57 2.15 2.53
C ILE B 224 -3.17 1.68 3.92
N VAL B 225 -2.05 0.97 4.02
CA VAL B 225 -1.59 0.51 5.31
C VAL B 225 -1.43 1.72 6.24
N SER B 226 -2.21 1.75 7.32
CA SER B 226 -2.21 2.87 8.26
C SER B 226 -1.76 2.56 9.68
N TRP B 227 -2.60 1.87 10.45
CA TRP B 227 -2.22 1.55 11.82
C TRP B 227 -2.75 0.28 12.37
N GLY B 228 -2.20 -0.09 13.51
CA GLY B 228 -2.60 -1.30 14.20
C GLY B 228 -2.11 -1.15 15.61
N GLU B 229 -2.30 -2.18 16.42
CA GLU B 229 -1.85 -2.17 17.81
C GLU B 229 -1.07 -3.44 17.95
N GLY B 230 0.24 -3.31 17.82
CA GLY B 230 1.09 -4.49 17.86
C GLY B 230 0.96 -5.04 16.46
N CYS B 231 1.40 -6.29 16.24
CA CYS B 231 1.30 -6.88 14.91
C CYS B 231 0.79 -8.28 14.99
N ASP B 232 -0.26 -8.56 14.24
CA ASP B 232 -0.84 -9.89 14.20
C ASP B 232 -1.15 -10.44 15.58
N ARG B 233 -1.76 -9.60 16.42
CA ARG B 233 -2.15 -10.05 17.75
C ARG B 233 -3.54 -10.59 17.61
N ASP B 234 -3.84 -11.63 18.36
CA ASP B 234 -5.17 -12.22 18.31
C ASP B 234 -6.14 -11.22 18.90
N GLY B 235 -7.28 -11.04 18.24
CA GLY B 235 -8.26 -10.10 18.74
C GLY B 235 -8.07 -8.70 18.18
N LYS B 236 -6.95 -8.47 17.51
CA LYS B 236 -6.65 -7.17 16.93
C LYS B 236 -6.59 -7.21 15.42
N TYR B 237 -6.83 -6.07 14.78
CA TYR B 237 -6.80 -6.01 13.33
C TYR B 237 -6.04 -4.83 12.78
N GLY B 238 -5.61 -4.95 11.54
CA GLY B 238 -4.90 -3.84 10.92
C GLY B 238 -5.93 -2.85 10.38
N PHE B 239 -5.58 -1.57 10.37
CA PHE B 239 -6.49 -0.58 9.84
C PHE B 239 -5.93 0.08 8.61
N TYR B 240 -6.83 0.38 7.69
CA TYR B 240 -6.43 0.97 6.43
C TYR B 240 -7.24 2.17 6.06
N THR B 241 -6.60 3.09 5.36
CA THR B 241 -7.27 4.30 4.88
C THR B 241 -8.21 3.90 3.78
N HIS B 242 -9.45 4.38 3.86
CA HIS B 242 -10.48 4.06 2.87
C HIS B 242 -10.26 4.91 1.62
N VAL B 243 -9.46 4.39 0.68
CA VAL B 243 -9.14 5.14 -0.53
C VAL B 243 -10.30 5.81 -1.21
N PHE B 244 -11.37 5.07 -1.48
CA PHE B 244 -12.50 5.68 -2.16
C PHE B 244 -13.09 6.89 -1.48
N ARG B 245 -13.26 6.82 -0.16
CA ARG B 245 -13.81 7.95 0.59
C ARG B 245 -13.02 9.23 0.38
N LEU B 246 -11.74 9.11 0.01
CA LEU B 246 -10.90 10.29 -0.19
C LEU B 246 -10.51 10.50 -1.64
N LYS B 247 -11.16 9.75 -2.52
CA LYS B 247 -10.90 9.82 -3.94
C LYS B 247 -11.09 11.20 -4.54
N LYS B 248 -11.97 12.00 -3.95
CA LYS B 248 -12.25 13.34 -4.45
C LYS B 248 -11.14 14.28 -4.12
N TRP B 249 -10.47 14.07 -3.00
CA TRP B 249 -9.37 14.93 -2.62
C TRP B 249 -8.23 14.62 -3.56
N ILE B 250 -8.10 13.35 -3.89
CA ILE B 250 -7.05 12.89 -4.79
C ILE B 250 -7.16 13.54 -6.15
N GLN B 251 -8.33 13.39 -6.78
CA GLN B 251 -8.55 13.97 -8.09
C GLN B 251 -8.30 15.45 -8.09
N LYS B 252 -8.84 16.11 -7.07
CA LYS B 252 -8.67 17.55 -6.92
C LYS B 252 -7.22 17.92 -7.06
N VAL B 253 -6.38 17.30 -6.26
CA VAL B 253 -4.95 17.57 -6.26
C VAL B 253 -4.28 17.46 -7.61
N ILE B 254 -4.57 16.37 -8.32
CA ILE B 254 -3.94 16.14 -9.61
C ILE B 254 -4.26 17.12 -10.71
N ASP B 255 -5.54 17.44 -10.91
CA ASP B 255 -5.87 18.38 -11.98
C ASP B 255 -5.37 19.77 -11.68
N GLN B 256 -5.43 20.18 -10.42
CA GLN B 256 -4.98 21.50 -10.03
C GLN B 256 -3.48 21.65 -10.13
N PHE B 257 -2.76 20.63 -9.70
CA PHE B 257 -1.31 20.66 -9.71
C PHE B 257 -0.69 19.69 -10.69
C1 SIN C 1 20.29 -4.81 6.52
O1 SIN C 1 19.72 -5.82 6.13
O2 SIN C 1 19.65 -3.94 7.10
C2 SIN C 1 21.77 -4.64 6.26
C3 SIN C 1 22.09 -3.19 5.90
C4 SIN C 1 21.83 -2.96 4.43
O4 SIN C 1 21.92 -3.89 3.63
N TYR C 2 21.51 -1.72 4.07
CA TYR C 2 21.21 -1.42 2.69
C TYR C 2 22.42 -1.14 1.83
N GLU C 3 22.30 -1.49 0.56
CA GLU C 3 23.35 -1.31 -0.42
C GLU C 3 23.27 0.11 -0.91
N PRO C 4 24.38 0.86 -0.81
CA PRO C 4 24.48 2.25 -1.23
C PRO C 4 23.90 2.50 -2.59
N ILE C 5 23.27 3.65 -2.77
CA ILE C 5 22.69 3.97 -4.07
C ILE C 5 23.54 5.02 -4.72
N HYP C 6 23.72 4.94 -6.04
CA HYP C 6 24.52 5.88 -6.85
C HYP C 6 24.24 7.32 -6.42
O HYP C 6 23.11 7.73 -6.26
CB HYP C 6 24.00 5.64 -8.29
CG HYP C 6 23.69 4.14 -8.29
CD HYP C 6 23.19 3.86 -6.89
OD1 HYP C 6 24.89 3.39 -8.49
N GLU C 7 25.31 8.10 -6.27
CA GLU C 7 25.23 9.48 -5.83
C GLU C 7 24.53 10.41 -6.80
N GLU C 8 24.44 10.00 -8.07
CA GLU C 8 23.77 10.85 -9.05
C GLU C 8 22.30 11.06 -8.73
N SMF C 9 21.81 10.44 -7.63
CA SMF C 9 20.41 10.57 -7.21
CB SMF C 9 19.76 9.18 -7.07
CG SMF C 9 19.72 8.37 -8.35
CD1 SMF C 9 20.47 7.18 -8.43
CE1 SMF C 9 20.44 6.41 -9.61
CD2 SMF C 9 18.93 8.79 -9.44
CE2 SMF C 9 18.89 8.00 -10.63
CZ SMF C 9 19.65 6.81 -10.71
CH SMF C 9 19.61 5.97 -11.97
S SMF C 9 18.20 4.80 -11.90
O1 SMF C 9 17.00 5.44 -11.50
O2 SMF C 9 18.54 3.91 -10.72
O3 SMF C 9 18.23 3.90 -13.00
C SMF C 9 20.32 11.19 -5.84
O SMF C 9 19.34 10.95 -5.13
N ALC C 10 21.31 11.99 -5.43
CA ALC C 10 21.27 12.61 -4.10
C ALC C 10 20.96 14.09 -4.11
O ALC C 10 21.38 14.81 -3.19
CB ALC C 10 22.59 12.36 -3.41
CG ALC C 10 22.72 11.30 -2.36
CD2 ALC C 10 21.53 10.33 -2.47
CE2 ALC C 10 21.65 9.28 -1.37
CZ ALC C 10 22.95 8.48 -1.53
CE1 ALC C 10 24.19 9.42 -1.49
CD1 ALC C 10 24.05 10.54 -2.56
N GLN C 11 20.25 14.58 -5.11
CA GLN C 11 19.90 16.00 -5.12
C GLN C 11 18.49 16.20 -4.65
C12 163 D . 0.31 2.84 15.17
O1 163 D . -0.19 1.95 14.50
C13 163 D . 0.12 2.83 16.67
C14 163 D . -1.33 3.18 17.04
C15 163 D . -1.61 4.69 16.87
C16 163 D . -3.10 4.92 16.60
C17 163 D . -3.39 6.44 16.43
C18 163 D . -2.94 7.22 17.69
C19 163 D . -1.44 6.96 17.98
C20 163 D . -1.18 5.45 18.15
N5 163 D . 0.44 1.49 17.20
C21 163 D . 1.80 1.18 17.66
C22 163 D . 1.77 -0.02 18.58
O2 163 D . 0.72 -0.34 19.14
O3 163 D . 2.78 -0.67 18.77
O 163 D . 3.35 2.80 12.99
C7 163 D . 2.19 2.89 12.60
C8 163 D . 1.30 4.01 13.10
C9 163 D . 1.93 5.36 12.92
C10 163 D . 2.15 5.92 14.07
C11 163 D . 1.69 5.00 15.19
N4 163 D . 1.02 3.84 14.55
N 163 D . -0.68 -3.77 10.75
C 163 D . -0.36 -3.27 11.95
N1 163 D . -0.99 -3.72 13.04
C1 163 D . 0.69 -2.23 12.08
N2 163 D . 0.86 -1.10 11.29
C2 163 D . 0.00 -0.71 10.14
C3 163 D . 1.69 -2.21 13.02
C4 163 D . 2.46 -1.07 12.80
C5 163 D . 1.94 -0.42 11.75
C6 163 D . 2.48 0.87 11.18
N3 163 D . 1.69 1.99 11.70
#